data_9L1J
#
_entry.id   9L1J
#
_cell.length_a   77.929
_cell.length_b   77.929
_cell.length_c   45.283
_cell.angle_alpha   90.000
_cell.angle_beta   90.000
_cell.angle_gamma   120.000
#
_symmetry.space_group_name_H-M   'P 3 2 1'
#
loop_
_entity.id
_entity.type
_entity.pdbx_description
1 polymer 'sdAbB YERLA'
2 non-polymer 'SULFATE ION'
3 non-polymer 'CHLORIDE ION'
4 non-polymer GLYCEROL
5 non-polymer 'PENTAETHYLENE GLYCOL'
6 water water
#
_entity_poly.entity_id   1
_entity_poly.type   'polypeptide(L)'
_entity_poly.pdbx_seq_one_letter_code
;QVQLVESGGGLVQPGGSLRLSCAASGFTFSSYWMYWYRQAPGKERELVSGISNGGAGTYYADSVKGRFTISRDNAKNTLY
LQMNSLKSEDTAVYYCAQRGSSASRMDYWGKGTQVTVSSAAGHHHHHH
;
_entity_poly.pdbx_strand_id   A
#
# COMPACT_ATOMS: atom_id res chain seq x y z
N GLN A 1 19.88 -7.58 -2.62
CA GLN A 1 18.60 -7.98 -3.27
C GLN A 1 17.48 -7.06 -2.78
N VAL A 2 16.59 -6.70 -3.72
CA VAL A 2 15.40 -5.92 -3.37
C VAL A 2 14.42 -6.78 -2.57
N GLN A 3 13.82 -6.17 -1.54
CA GLN A 3 12.79 -6.82 -0.76
C GLN A 3 11.80 -5.73 -0.36
N LEU A 4 10.53 -6.10 -0.39
CA LEU A 4 9.46 -5.27 0.13
C LEU A 4 8.67 -6.13 1.08
N VAL A 5 8.49 -5.62 2.31
CA VAL A 5 7.81 -6.38 3.36
C VAL A 5 6.69 -5.51 3.89
N GLU A 6 5.46 -5.95 3.59
CA GLU A 6 4.25 -5.34 4.08
C GLU A 6 3.95 -5.85 5.49
N SER A 7 3.47 -4.93 6.33
CA SER A 7 2.96 -5.30 7.63
C SER A 7 1.80 -4.36 7.95
N GLY A 8 1.11 -4.69 9.04
CA GLY A 8 0.06 -3.82 9.54
C GLY A 8 -1.33 -4.31 9.15
N GLY A 9 -1.41 -5.40 8.40
CA GLY A 9 -2.71 -5.98 8.08
C GLY A 9 -3.38 -6.55 9.34
N GLY A 10 -4.63 -6.95 9.17
CA GLY A 10 -5.40 -7.46 10.28
C GLY A 10 -6.88 -7.61 9.93
N LEU A 11 -7.63 -7.90 10.98
CA LEU A 11 -9.06 -8.14 10.92
C LEU A 11 -9.72 -7.05 11.75
N VAL A 12 -10.57 -6.23 11.11
CA VAL A 12 -11.24 -5.10 11.75
C VAL A 12 -12.67 -5.05 11.25
N GLN A 13 -13.52 -4.32 11.97
CA GLN A 13 -14.92 -4.16 11.58
C GLN A 13 -15.06 -2.97 10.64
N PRO A 14 -16.09 -2.97 9.76
CA PRO A 14 -16.41 -1.80 8.94
C PRO A 14 -16.39 -0.51 9.77
N GLY A 15 -15.77 0.52 9.19
CA GLY A 15 -15.66 1.81 9.86
C GLY A 15 -14.34 1.94 10.63
N GLY A 16 -13.62 0.82 10.82
CA GLY A 16 -12.39 0.84 11.58
C GLY A 16 -11.19 1.27 10.74
N SER A 17 -10.01 1.27 11.37
CA SER A 17 -8.77 1.71 10.74
C SER A 17 -7.66 0.67 10.86
N LEU A 18 -6.74 0.76 9.89
CA LEU A 18 -5.44 0.09 9.92
C LEU A 18 -4.40 1.05 9.37
N ARG A 19 -3.12 0.72 9.60
CA ARG A 19 -2.01 1.41 8.96
C ARG A 19 -1.05 0.37 8.42
N LEU A 20 -0.89 0.36 7.09
CA LEU A 20 0.05 -0.57 6.46
C LEU A 20 1.40 0.13 6.38
N SER A 21 2.45 -0.67 6.56
CA SER A 21 3.81 -0.24 6.38
C SER A 21 4.45 -1.19 5.38
N CYS A 22 5.33 -0.63 4.57
CA CYS A 22 6.10 -1.39 3.60
C CYS A 22 7.55 -1.01 3.81
N ALA A 23 8.28 -1.98 4.39
CA ALA A 23 9.69 -1.85 4.64
C ALA A 23 10.41 -2.28 3.36
N ALA A 24 11.07 -1.30 2.75
CA ALA A 24 11.76 -1.51 1.51
C ALA A 24 13.22 -1.72 1.81
N SER A 25 13.88 -2.55 0.98
CA SER A 25 15.31 -2.76 1.09
C SER A 25 15.90 -3.02 -0.29
N GLY A 26 17.17 -2.61 -0.43
CA GLY A 26 18.01 -3.13 -1.50
C GLY A 26 17.95 -2.28 -2.76
N PHE A 27 17.36 -1.08 -2.65
CA PHE A 27 17.44 -0.09 -3.71
C PHE A 27 17.37 1.31 -3.12
N THR A 28 17.61 2.32 -3.97
CA THR A 28 17.54 3.72 -3.59
C THR A 28 16.09 4.23 -3.58
N PHE A 29 15.45 4.04 -2.43
CA PHE A 29 14.01 4.16 -2.31
C PHE A 29 13.51 5.52 -2.80
N SER A 30 14.19 6.58 -2.40
CA SER A 30 13.81 7.94 -2.73
C SER A 30 13.93 8.30 -4.22
N SER A 31 14.39 7.38 -5.08
CA SER A 31 14.47 7.66 -6.50
C SER A 31 13.24 7.19 -7.27
N TYR A 32 12.20 6.73 -6.56
CA TYR A 32 11.11 6.02 -7.20
C TYR A 32 9.77 6.42 -6.63
N TRP A 33 8.79 6.50 -7.53
CA TRP A 33 7.40 6.38 -7.11
C TRP A 33 7.23 5.02 -6.44
N MET A 34 6.37 4.98 -5.42
CA MET A 34 6.05 3.74 -4.73
C MET A 34 4.55 3.59 -4.69
N TYR A 35 4.10 2.34 -4.64
CA TYR A 35 2.71 2.04 -4.88
C TYR A 35 2.17 1.00 -3.92
N TRP A 36 0.87 1.12 -3.66
CA TRP A 36 0.06 0.05 -3.07
C TRP A 36 -0.94 -0.47 -4.09
N TYR A 37 -0.99 -1.79 -4.19
CA TYR A 37 -2.00 -2.53 -4.96
C TYR A 37 -2.76 -3.42 -4.00
N ARG A 38 -3.87 -3.96 -4.48
CA ARG A 38 -4.57 -4.98 -3.74
C ARG A 38 -5.27 -5.97 -4.67
N GLN A 39 -5.58 -7.13 -4.12
CA GLN A 39 -6.31 -8.16 -4.84
C GLN A 39 -7.17 -8.95 -3.87
N ALA A 40 -8.47 -8.99 -4.14
CA ALA A 40 -9.37 -9.86 -3.40
C ALA A 40 -9.48 -11.19 -4.16
N PRO A 41 -9.39 -12.36 -3.50
CA PRO A 41 -9.33 -13.66 -4.20
C PRO A 41 -10.27 -13.85 -5.39
N GLY A 42 -11.42 -13.17 -5.37
CA GLY A 42 -12.39 -13.33 -6.45
C GLY A 42 -12.11 -12.39 -7.63
N LYS A 43 -11.16 -11.46 -7.47
CA LYS A 43 -11.09 -10.29 -8.32
C LYS A 43 -9.70 -10.11 -8.92
N GLU A 44 -9.59 -9.12 -9.81
CA GLU A 44 -8.33 -8.74 -10.41
C GLU A 44 -7.57 -7.75 -9.54
N ARG A 45 -6.25 -7.74 -9.71
CA ARG A 45 -5.36 -6.77 -9.08
C ARG A 45 -5.86 -5.36 -9.40
N GLU A 46 -5.78 -4.47 -8.40
CA GLU A 46 -6.20 -3.08 -8.54
C GLU A 46 -5.16 -2.16 -7.91
N LEU A 47 -4.76 -1.11 -8.62
CA LEU A 47 -3.97 -0.04 -8.05
C LEU A 47 -4.80 0.69 -7.01
N VAL A 48 -4.20 0.90 -5.84
CA VAL A 48 -4.84 1.58 -4.73
C VAL A 48 -4.33 3.00 -4.62
N SER A 49 -3.00 3.17 -4.60
CA SER A 49 -2.43 4.48 -4.37
C SER A 49 -0.98 4.48 -4.82
N GLY A 50 -0.51 5.67 -5.18
CA GLY A 50 0.90 5.88 -5.49
C GLY A 50 1.38 7.20 -4.91
N ILE A 51 2.69 7.27 -4.68
CA ILE A 51 3.30 8.47 -4.15
C ILE A 51 4.62 8.71 -4.85
N SER A 52 4.85 10.00 -5.15
CA SER A 52 6.03 10.45 -5.86
C SER A 52 7.28 10.33 -4.98
N ASN A 53 8.43 10.44 -5.64
CA ASN A 53 9.75 10.29 -5.05
C ASN A 53 9.82 10.90 -3.65
N GLY A 54 9.55 12.21 -3.54
CA GLY A 54 9.67 12.94 -2.29
C GLY A 54 8.34 13.18 -1.58
N GLY A 55 7.24 12.71 -2.18
CA GLY A 55 5.95 12.73 -1.50
C GLY A 55 5.02 13.88 -1.90
N ALA A 56 5.44 14.78 -2.81
CA ALA A 56 4.59 15.93 -3.18
C ALA A 56 3.42 15.55 -4.08
N GLY A 57 3.55 14.46 -4.84
CA GLY A 57 2.50 13.99 -5.71
C GLY A 57 1.93 12.68 -5.19
N THR A 58 0.60 12.56 -5.25
CA THR A 58 -0.08 11.35 -4.85
C THR A 58 -1.14 11.00 -5.89
N TYR A 59 -1.50 9.74 -5.87
CA TYR A 59 -2.57 9.20 -6.70
C TYR A 59 -3.38 8.24 -5.83
N TYR A 60 -4.70 8.29 -5.98
CA TYR A 60 -5.58 7.35 -5.29
C TYR A 60 -6.65 6.85 -6.25
N ALA A 61 -6.96 5.55 -6.14
CA ALA A 61 -8.17 5.03 -6.74
C ALA A 61 -9.37 5.83 -6.23
N ASP A 62 -10.34 6.10 -7.11
CA ASP A 62 -11.45 6.97 -6.74
C ASP A 62 -12.19 6.39 -5.53
N SER A 63 -12.24 5.06 -5.43
CA SER A 63 -13.01 4.41 -4.37
C SER A 63 -12.37 4.52 -2.98
N VAL A 64 -11.13 5.02 -2.89
CA VAL A 64 -10.46 5.12 -1.59
C VAL A 64 -10.20 6.57 -1.24
N LYS A 65 -10.51 7.49 -2.14
CA LYS A 65 -10.31 8.91 -1.84
C LYS A 65 -11.11 9.31 -0.62
N GLY A 66 -10.47 10.11 0.25
CA GLY A 66 -11.08 10.57 1.48
C GLY A 66 -11.03 9.53 2.60
N ARG A 67 -10.57 8.30 2.31
CA ARG A 67 -10.50 7.26 3.32
C ARG A 67 -9.06 6.87 3.59
N PHE A 68 -8.26 6.75 2.53
CA PHE A 68 -6.89 6.28 2.66
C PHE A 68 -5.93 7.42 2.39
N THR A 69 -4.77 7.38 3.06
CA THR A 69 -3.72 8.36 2.85
C THR A 69 -2.39 7.65 2.70
N ILE A 70 -1.71 7.93 1.59
CA ILE A 70 -0.38 7.37 1.35
C ILE A 70 0.65 8.39 1.83
N SER A 71 1.76 7.89 2.38
CA SER A 71 2.87 8.72 2.82
C SER A 71 4.14 7.89 2.79
N ARG A 72 5.29 8.55 2.93
CA ARG A 72 6.55 7.83 2.89
C ARG A 72 7.56 8.54 3.78
N ASP A 73 8.54 7.75 4.24
CA ASP A 73 9.68 8.20 5.02
C ASP A 73 10.94 7.75 4.29
N ASN A 74 11.61 8.69 3.63
CA ASN A 74 12.72 8.40 2.74
C ASN A 74 14.05 8.14 3.49
N ALA A 75 14.07 8.15 4.82
CA ALA A 75 15.28 7.79 5.58
C ALA A 75 15.16 6.38 6.16
N LYS A 76 13.91 6.09 6.55
CA LYS A 76 13.53 4.79 7.05
C LYS A 76 13.18 3.87 5.89
N ASN A 77 13.18 4.41 4.66
CA ASN A 77 12.82 3.69 3.45
C ASN A 77 11.56 2.86 3.65
N THR A 78 10.51 3.54 4.16
CA THR A 78 9.24 2.94 4.46
C THR A 78 8.13 3.74 3.76
N LEU A 79 7.21 2.99 3.14
CA LEU A 79 5.96 3.49 2.60
C LEU A 79 4.84 3.17 3.58
N TYR A 80 3.80 4.02 3.62
CA TYR A 80 2.71 3.79 4.54
C TYR A 80 1.38 3.96 3.81
N LEU A 81 0.34 3.30 4.34
CA LEU A 81 -1.02 3.50 3.89
C LEU A 81 -1.90 3.57 5.12
N GLN A 82 -2.37 4.79 5.47
N GLN A 82 -2.35 4.79 5.45
CA GLN A 82 -3.32 4.93 6.56
CA GLN A 82 -3.32 4.98 6.51
C GLN A 82 -4.68 4.65 5.96
C GLN A 82 -4.70 4.66 5.94
N MET A 83 -5.38 3.67 6.52
CA MET A 83 -6.68 3.24 6.02
C MET A 83 -7.75 3.54 7.06
N ASN A 84 -8.55 4.57 6.79
CA ASN A 84 -9.68 4.87 7.65
C ASN A 84 -10.98 4.45 6.97
N SER A 85 -12.06 4.49 7.76
CA SER A 85 -13.40 4.30 7.23
C SER A 85 -13.46 3.05 6.36
N LEU A 86 -12.90 1.95 6.88
CA LEU A 86 -12.78 0.71 6.13
C LEU A 86 -14.15 0.12 5.81
N LYS A 87 -14.24 -0.49 4.61
CA LYS A 87 -15.46 -1.09 4.10
C LYS A 87 -15.21 -2.55 3.75
N SER A 88 -16.30 -3.33 3.66
CA SER A 88 -16.22 -4.73 3.24
C SER A 88 -15.41 -4.87 1.95
N GLU A 89 -15.66 -3.98 0.98
CA GLU A 89 -15.04 -4.03 -0.33
C GLU A 89 -13.51 -3.86 -0.25
N ASP A 90 -12.99 -3.38 0.89
CA ASP A 90 -11.55 -3.19 1.06
C ASP A 90 -10.84 -4.49 1.44
N THR A 91 -11.59 -5.52 1.79
CA THR A 91 -11.01 -6.81 2.11
C THR A 91 -10.22 -7.28 0.90
N ALA A 92 -8.94 -7.60 1.12
CA ALA A 92 -8.02 -7.92 0.06
C ALA A 92 -6.65 -8.20 0.66
N VAL A 93 -5.78 -8.85 -0.12
CA VAL A 93 -4.36 -8.81 0.15
C VAL A 93 -3.83 -7.50 -0.43
N TYR A 94 -3.06 -6.76 0.38
CA TYR A 94 -2.45 -5.50 -0.03
C TYR A 94 -0.96 -5.72 -0.28
N TYR A 95 -0.49 -5.14 -1.40
CA TYR A 95 0.88 -5.35 -1.84
C TYR A 95 1.53 -4.00 -2.09
N CYS A 96 2.75 -3.84 -1.60
CA CYS A 96 3.53 -2.70 -2.05
CA CYS A 96 3.67 -2.77 -1.92
C CYS A 96 4.42 -3.10 -3.22
N ALA A 97 4.71 -2.07 -4.04
CA ALA A 97 5.40 -2.29 -5.30
C ALA A 97 6.24 -1.08 -5.67
N GLN A 98 7.38 -1.41 -6.28
CA GLN A 98 8.17 -0.46 -7.02
C GLN A 98 8.05 -0.88 -8.48
N ARG A 99 7.61 0.06 -9.32
CA ARG A 99 7.36 -0.24 -10.73
C ARG A 99 8.39 0.50 -11.58
N GLY A 100 9.66 0.53 -11.15
CA GLY A 100 10.73 1.01 -12.00
C GLY A 100 10.78 2.53 -12.14
N SER A 101 11.64 2.97 -13.07
CA SER A 101 11.92 4.38 -13.32
C SER A 101 11.85 4.65 -14.83
N ARG A 105 13.49 -1.22 -15.59
CA ARG A 105 12.27 -1.87 -16.17
C ARG A 105 11.79 -3.04 -15.30
N MET A 106 12.55 -3.44 -14.28
CA MET A 106 12.12 -4.48 -13.35
C MET A 106 10.95 -3.98 -12.49
N ASP A 107 10.01 -4.89 -12.17
CA ASP A 107 9.01 -4.64 -11.14
C ASP A 107 9.38 -5.44 -9.89
N TYR A 108 9.06 -4.88 -8.71
CA TYR A 108 9.26 -5.55 -7.43
C TYR A 108 7.98 -5.47 -6.60
N TRP A 109 7.68 -6.59 -5.93
CA TRP A 109 6.45 -6.80 -5.18
C TRP A 109 6.80 -7.41 -3.83
N GLY A 110 6.04 -7.05 -2.80
CA GLY A 110 6.11 -7.80 -1.57
C GLY A 110 5.16 -8.97 -1.64
N LYS A 111 5.17 -9.80 -0.59
CA LYS A 111 4.32 -10.97 -0.52
C LYS A 111 2.92 -10.64 -0.05
N GLY A 112 2.71 -9.42 0.46
CA GLY A 112 1.37 -8.92 0.77
C GLY A 112 1.03 -9.03 2.25
N THR A 113 0.04 -8.25 2.67
CA THR A 113 -0.52 -8.34 4.01
C THR A 113 -2.04 -8.37 3.86
N GLN A 114 -2.67 -9.30 4.57
CA GLN A 114 -4.11 -9.50 4.50
C GLN A 114 -4.80 -8.43 5.34
N VAL A 115 -5.76 -7.76 4.71
CA VAL A 115 -6.74 -6.92 5.38
C VAL A 115 -8.11 -7.57 5.21
N THR A 116 -8.80 -7.80 6.33
CA THR A 116 -10.15 -8.33 6.32
C THR A 116 -11.04 -7.37 7.11
N VAL A 117 -12.07 -6.85 6.44
CA VAL A 117 -13.04 -5.95 7.07
C VAL A 117 -14.34 -6.73 7.21
N SER A 118 -14.69 -7.08 8.45
CA SER A 118 -15.82 -7.95 8.73
C SER A 118 -16.28 -7.75 10.17
N SER A 119 -17.60 -7.82 10.37
CA SER A 119 -18.18 -7.68 11.70
C SER A 119 -18.15 -9.04 12.43
#